data_3ZMF
#
_entry.id   3ZMF
#
_cell.length_a   46.590
_cell.length_b   46.590
_cell.length_c   128.980
_cell.angle_alpha   90.00
_cell.angle_beta   90.00
_cell.angle_gamma   120.00
#
_symmetry.space_group_name_H-M   'P 3'
#
loop_
_entity.id
_entity.type
_entity.pdbx_description
1 polymer 'GENERAL CONTROL PROTEIN GCN4, PUTATIVE INNER MEMBRANE PROTEIN, GENERAL CONTROL PROTEIN GCN4'
2 water water
#
_entity_poly.entity_id   1
_entity_poly.type   'polypeptide(L)'
_entity_poly.pdbx_seq_one_letter_code
;MKQIEDKIEEILSKIYHIENEIARIKKLITNTEASVAGLAEDALLWDESISAFSASHTGNASKITNLAAGTLAADSTDAV
NGSQMKQIEDKIEEILSKIYHIENEIARIKKLI
;
_entity_poly.pdbx_strand_id   A,B,C
#
# COMPACT_ATOMS: atom_id res chain seq x y z
N GLN A 3 -90.63 20.48 28.06
CA GLN A 3 -89.47 19.55 27.99
C GLN A 3 -88.21 20.24 27.42
N ILE A 4 -88.16 20.43 26.10
CA ILE A 4 -86.87 20.66 25.37
C ILE A 4 -86.07 21.95 25.68
N GLU A 5 -86.62 22.87 26.46
CA GLU A 5 -85.85 24.00 26.98
C GLU A 5 -84.75 23.50 27.89
N ASP A 6 -85.07 22.46 28.67
CA ASP A 6 -84.09 21.75 29.49
C ASP A 6 -83.07 20.96 28.63
N LYS A 7 -83.51 20.53 27.44
CA LYS A 7 -82.66 19.79 26.51
C LYS A 7 -81.50 20.64 25.99
N ILE A 8 -81.74 21.93 25.80
CA ILE A 8 -80.70 22.86 25.40
C ILE A 8 -79.69 23.11 26.52
N GLU A 9 -80.17 23.11 27.77
CA GLU A 9 -79.31 23.36 28.95
C GLU A 9 -78.30 22.25 29.15
N GLU A 10 -78.78 21.00 29.05
CA GLU A 10 -77.92 19.80 29.08
C GLU A 10 -76.87 19.79 27.95
N ILE A 11 -77.29 20.10 26.72
CA ILE A 11 -76.36 20.28 25.59
C ILE A 11 -75.30 21.34 25.92
N LEU A 12 -75.76 22.49 26.40
CA LEU A 12 -74.87 23.57 26.86
C LEU A 12 -73.83 23.14 27.92
N SER A 13 -74.21 22.21 28.80
CA SER A 13 -73.28 21.69 29.80
C SER A 13 -72.41 20.59 29.18
N LYS A 14 -72.97 19.85 28.22
CA LYS A 14 -72.24 18.76 27.53
C LYS A 14 -71.15 19.34 26.63
N ILE A 15 -71.43 20.54 26.08
CA ILE A 15 -70.53 21.29 25.17
C ILE A 15 -69.34 21.88 25.89
N TYR A 16 -69.59 22.73 26.88
CA TYR A 16 -68.49 23.46 27.53
C TYR A 16 -67.63 22.57 28.45
N HIS A 17 -68.14 21.40 28.83
CA HIS A 17 -67.32 20.38 29.49
C HIS A 17 -66.35 19.75 28.50
N ILE A 18 -66.73 19.73 27.22
CA ILE A 18 -65.81 19.42 26.13
C ILE A 18 -64.85 20.59 25.85
N GLU A 19 -65.27 21.84 26.09
CA GLU A 19 -64.36 22.99 25.95
C GLU A 19 -63.28 23.06 27.06
N ASN A 20 -63.47 22.26 28.11
CA ASN A 20 -62.48 22.09 29.19
C ASN A 20 -61.80 20.71 29.20
N GLU A 21 -62.19 19.86 28.26
CA GLU A 21 -61.43 18.65 27.93
C GLU A 21 -60.51 18.91 26.72
N ILE A 22 -60.70 20.05 26.05
CA ILE A 22 -59.86 20.46 24.91
C ILE A 22 -58.80 21.45 25.43
N ALA A 23 -59.22 22.34 26.33
CA ALA A 23 -58.31 23.12 27.14
C ALA A 23 -57.53 22.23 28.12
N ARG A 24 -58.08 21.06 28.46
CA ARG A 24 -57.32 20.04 29.19
C ARG A 24 -56.29 19.38 28.26
N ILE A 25 -56.76 18.76 27.18
CA ILE A 25 -55.89 18.07 26.21
C ILE A 25 -54.73 18.95 25.72
N LYS A 26 -54.99 20.23 25.44
CA LYS A 26 -53.95 21.15 24.96
C LYS A 26 -52.84 21.34 26.02
N LYS A 27 -53.21 21.27 27.29
CA LYS A 27 -52.23 21.31 28.38
C LYS A 27 -51.19 20.22 28.13
N LEU A 28 -51.65 18.99 27.96
CA LEU A 28 -50.74 17.87 27.76
C LEU A 28 -49.94 18.00 26.45
N ILE A 29 -50.52 18.60 25.42
CA ILE A 29 -49.86 18.68 24.10
C ILE A 29 -48.70 19.67 24.08
N THR A 30 -48.94 20.86 24.62
CA THR A 30 -47.85 21.82 24.84
C THR A 30 -46.75 21.18 25.70
N ASN A 31 -47.15 20.59 26.81
CA ASN A 31 -46.22 19.91 27.73
C ASN A 31 -45.28 18.97 26.95
N THR A 32 -45.88 18.08 26.17
CA THR A 32 -45.18 17.04 25.39
C THR A 32 -44.24 17.59 24.33
N GLU A 33 -44.74 18.54 23.56
CA GLU A 33 -43.93 19.22 22.56
C GLU A 33 -42.67 19.88 23.15
N ALA A 34 -42.77 20.39 24.39
CA ALA A 34 -41.61 20.94 25.08
C ALA A 34 -40.65 19.82 25.46
N SER A 35 -41.11 18.89 26.28
CA SER A 35 -40.30 17.73 26.66
C SER A 35 -39.60 17.14 25.46
N VAL A 36 -40.30 17.13 24.32
CA VAL A 36 -39.71 16.67 23.08
C VAL A 36 -38.60 17.62 22.64
N ALA A 37 -38.88 18.90 22.67
CA ALA A 37 -37.86 19.88 22.31
C ALA A 37 -36.65 19.72 23.24
N GLY A 38 -36.90 19.50 24.53
CA GLY A 38 -35.82 19.31 25.52
C GLY A 38 -35.03 18.05 25.23
N LEU A 39 -35.72 16.95 24.97
CA LEU A 39 -35.03 15.79 24.53
C LEU A 39 -34.11 16.11 23.39
N ALA A 40 -34.61 16.79 22.36
CA ALA A 40 -33.82 17.03 21.15
C ALA A 40 -32.53 17.85 21.42
N GLU A 41 -32.62 18.79 22.37
CA GLU A 41 -31.46 19.61 22.80
C GLU A 41 -30.47 18.80 23.62
N ASP A 42 -30.99 17.93 24.48
CA ASP A 42 -30.10 17.14 25.38
C ASP A 42 -29.64 15.74 24.95
N ALA A 43 -30.28 15.12 23.96
CA ALA A 43 -29.83 13.79 23.54
C ALA A 43 -28.64 13.86 22.62
N LEU A 44 -27.85 12.81 22.66
CA LEU A 44 -26.76 12.71 21.68
C LEU A 44 -27.37 12.17 20.34
N LEU A 45 -27.29 12.98 19.31
CA LEU A 45 -28.08 12.76 18.04
C LEU A 45 -27.19 12.62 16.80
N TRP A 46 -27.71 11.81 15.87
CA TRP A 46 -27.11 11.65 14.59
C TRP A 46 -27.18 13.05 13.95
N ASP A 47 -26.11 13.46 13.30
CA ASP A 47 -26.04 14.68 12.47
C ASP A 47 -25.78 14.27 11.01
N GLU A 48 -26.83 14.33 10.21
CA GLU A 48 -26.75 13.97 8.79
C GLU A 48 -25.64 14.68 7.98
N SER A 49 -25.27 15.89 8.43
CA SER A 49 -24.30 16.77 7.65
C SER A 49 -22.91 16.28 7.89
N ILE A 50 -22.66 15.57 9.02
CA ILE A 50 -21.32 14.96 9.21
C ILE A 50 -21.33 13.40 9.08
N SER A 51 -22.52 12.81 9.05
CA SER A 51 -22.70 11.36 8.90
C SER A 51 -22.11 10.58 10.13
N ALA A 52 -22.46 11.10 11.30
CA ALA A 52 -21.99 10.52 12.60
C ALA A 52 -22.91 11.02 13.68
N PHE A 53 -22.88 10.35 14.87
CA PHE A 53 -23.43 10.95 16.05
C PHE A 53 -22.53 12.10 16.50
N SER A 54 -23.17 13.13 16.92
CA SER A 54 -22.53 14.34 17.50
C SER A 54 -22.64 14.65 19.04
N ALA A 55 -21.49 14.65 19.72
CA ALA A 55 -21.35 14.97 21.17
C ALA A 55 -21.21 16.54 21.36
N SER A 56 -21.55 17.31 20.34
CA SER A 56 -21.63 18.78 20.51
C SER A 56 -22.82 19.12 21.32
N HIS A 57 -22.66 20.04 22.26
CA HIS A 57 -23.80 20.47 23.06
C HIS A 57 -23.62 21.97 23.29
N THR A 58 -24.66 22.74 23.06
CA THR A 58 -24.60 24.22 23.02
C THR A 58 -23.40 24.64 22.10
N GLY A 59 -23.19 23.92 20.98
CA GLY A 59 -22.07 24.24 20.07
C GLY A 59 -20.63 24.01 20.53
N ASN A 60 -20.42 23.24 21.60
CA ASN A 60 -19.07 22.96 22.11
C ASN A 60 -18.96 21.38 22.03
N ALA A 61 -17.81 20.89 21.67
CA ALA A 61 -17.44 19.47 21.85
C ALA A 61 -17.61 19.21 23.37
N SER A 62 -18.14 18.02 23.75
CA SER A 62 -18.49 17.68 25.08
C SER A 62 -17.99 16.31 25.41
N LYS A 63 -17.78 16.07 26.66
CA LYS A 63 -17.51 14.73 27.19
C LYS A 63 -18.62 13.72 27.25
N ILE A 64 -18.33 12.42 27.16
CA ILE A 64 -19.32 11.45 27.57
C ILE A 64 -18.62 10.91 28.80
N THR A 65 -19.40 10.70 29.87
CA THR A 65 -18.92 10.11 31.05
C THR A 65 -19.84 9.00 31.51
N ASN A 66 -19.46 8.35 32.61
CA ASN A 66 -20.21 7.14 33.15
C ASN A 66 -20.18 6.00 32.11
N LEU A 67 -19.05 5.97 31.36
CA LEU A 67 -18.84 4.95 30.33
C LEU A 67 -18.11 3.77 30.88
N ALA A 68 -18.76 2.61 30.83
CA ALA A 68 -18.12 1.33 31.29
C ALA A 68 -16.95 1.01 30.34
N ALA A 69 -15.89 0.37 30.79
CA ALA A 69 -14.76 -0.01 29.94
C ALA A 69 -15.23 -0.91 28.79
N GLY A 70 -14.76 -0.67 27.54
CA GLY A 70 -15.16 -1.56 26.43
C GLY A 70 -14.30 -2.75 26.27
N THR A 71 -14.84 -3.83 25.67
CA THR A 71 -14.00 -4.95 25.45
C THR A 71 -12.83 -4.76 24.46
N LEU A 72 -11.61 -5.12 24.86
CA LEU A 72 -10.42 -5.06 24.04
C LEU A 72 -10.20 -6.33 23.24
N ALA A 73 -10.53 -6.27 21.94
CA ALA A 73 -10.43 -7.44 21.02
C ALA A 73 -10.38 -6.94 19.57
N ALA A 74 -9.76 -7.71 18.71
CA ALA A 74 -9.60 -7.32 17.32
C ALA A 74 -10.93 -6.92 16.69
N ASP A 75 -12.03 -7.50 17.12
CA ASP A 75 -13.25 -7.10 16.40
C ASP A 75 -14.12 -6.02 17.07
N SER A 76 -13.65 -5.50 18.19
CA SER A 76 -14.55 -4.88 19.15
C SER A 76 -14.95 -3.56 18.63
N THR A 77 -16.27 -3.30 18.71
CA THR A 77 -16.79 -2.04 18.42
C THR A 77 -17.26 -1.28 19.75
N ASP A 78 -16.64 -1.62 20.87
CA ASP A 78 -17.04 -0.99 22.17
C ASP A 78 -16.17 0.26 22.21
N ALA A 79 -16.76 1.29 22.79
CA ALA A 79 -16.06 2.54 23.14
C ALA A 79 -15.12 2.32 24.28
N VAL A 80 -14.06 3.06 24.31
CA VAL A 80 -13.12 2.83 25.33
C VAL A 80 -13.05 4.09 26.21
N ASN A 81 -12.79 3.87 27.48
CA ASN A 81 -12.72 4.90 28.52
C ASN A 81 -11.36 5.27 29.03
N GLY A 82 -11.36 6.37 29.84
CA GLY A 82 -10.16 6.91 30.42
C GLY A 82 -9.27 6.03 31.31
N SER A 83 -9.87 5.17 32.15
CA SER A 83 -9.12 4.17 32.83
C SER A 83 -8.28 3.23 31.96
N GLN A 84 -8.81 2.79 30.84
CA GLN A 84 -8.12 1.93 29.91
C GLN A 84 -6.95 2.55 29.20
N MET A 85 -7.14 3.83 28.75
CA MET A 85 -6.03 4.61 28.22
C MET A 85 -4.98 5.05 29.27
N LYS A 86 -5.36 5.26 30.56
CA LYS A 86 -4.37 5.57 31.59
C LYS A 86 -3.40 4.47 31.78
N GLN A 87 -3.94 3.25 31.69
CA GLN A 87 -3.10 2.14 31.95
C GLN A 87 -2.06 2.02 30.85
N ILE A 88 -2.47 2.21 29.64
CA ILE A 88 -1.50 2.18 28.54
C ILE A 88 -0.47 3.27 28.60
N GLU A 89 -0.89 4.48 28.91
CA GLU A 89 0.10 5.59 29.13
C GLU A 89 1.11 5.34 30.24
N ASP A 90 0.64 4.83 31.37
CA ASP A 90 1.55 4.30 32.41
C ASP A 90 2.55 3.25 31.87
N LYS A 91 2.13 2.22 31.09
CA LYS A 91 3.12 1.37 30.50
C LYS A 91 4.11 2.02 29.63
N ILE A 92 3.68 3.00 28.88
CA ILE A 92 4.55 3.67 27.87
C ILE A 92 5.60 4.44 28.60
N GLU A 93 5.24 5.00 29.74
CA GLU A 93 6.23 5.74 30.53
C GLU A 93 7.31 4.85 31.15
N GLU A 94 6.88 3.72 31.70
CA GLU A 94 7.78 2.70 32.13
C GLU A 94 8.69 2.21 31.00
N ILE A 95 8.13 1.88 29.81
CA ILE A 95 8.98 1.54 28.67
C ILE A 95 10.07 2.61 28.33
N LEU A 96 9.63 3.84 28.36
CA LEU A 96 10.55 4.99 28.05
C LEU A 96 11.69 5.12 29.03
N SER A 97 11.38 4.89 30.29
CA SER A 97 12.46 4.99 31.23
C SER A 97 13.45 3.74 31.15
N LYS A 98 12.92 2.53 30.94
CA LYS A 98 13.76 1.40 30.73
C LYS A 98 14.67 1.63 29.55
N ILE A 99 14.18 2.28 28.49
CA ILE A 99 14.99 2.54 27.27
C ILE A 99 16.13 3.46 27.61
N TYR A 100 15.81 4.48 28.40
CA TYR A 100 16.84 5.44 28.87
C TYR A 100 17.95 4.71 29.68
N HIS A 101 17.61 3.76 30.59
CA HIS A 101 18.62 3.01 31.30
C HIS A 101 19.50 2.11 30.41
N ILE A 102 18.87 1.39 29.45
CA ILE A 102 19.51 0.57 28.48
C ILE A 102 20.48 1.40 27.68
N GLU A 103 20.10 2.63 27.33
CA GLU A 103 20.99 3.48 26.50
C GLU A 103 22.23 3.92 27.22
N ASN A 104 21.99 4.39 28.42
CA ASN A 104 23.05 4.43 29.43
C ASN A 104 24.00 3.26 29.65
N GLU A 105 23.45 2.03 29.79
CA GLU A 105 24.31 0.84 29.95
C GLU A 105 25.15 0.64 28.65
N ILE A 106 24.48 0.77 27.54
CA ILE A 106 25.19 0.75 26.19
C ILE A 106 26.36 1.72 26.15
N ALA A 107 26.07 2.96 26.41
CA ALA A 107 27.15 3.95 26.52
C ALA A 107 28.33 3.54 27.43
N ARG A 108 28.05 3.04 28.62
CA ARG A 108 29.07 2.60 29.55
C ARG A 108 29.93 1.52 28.90
N ILE A 109 29.25 0.47 28.39
CA ILE A 109 29.97 -0.59 27.72
C ILE A 109 30.90 -0.05 26.66
N LYS A 110 30.32 0.69 25.72
CA LYS A 110 31.11 1.39 24.72
C LYS A 110 32.38 2.06 25.28
N LYS A 111 32.24 2.86 26.31
CA LYS A 111 33.39 3.63 26.82
C LYS A 111 34.39 2.77 27.62
N LEU A 112 34.04 1.52 27.91
CA LEU A 112 34.92 0.60 28.62
C LEU A 112 35.64 -0.34 27.67
N ILE A 113 35.18 -0.46 26.42
CA ILE A 113 35.81 -1.38 25.46
C ILE A 113 36.74 -0.62 24.52
N GLN B 3 -70.33 8.21 -1.20
CA GLN B 3 -69.28 7.46 -1.97
C GLN B 3 -68.03 8.32 -2.20
N ILE B 4 -68.19 9.51 -2.78
CA ILE B 4 -67.04 10.31 -3.24
C ILE B 4 -66.24 10.98 -2.12
N GLU B 5 -66.89 11.47 -1.05
CA GLU B 5 -66.15 12.01 0.11
C GLU B 5 -65.37 10.89 0.83
N ASP B 6 -65.86 9.65 0.71
CA ASP B 6 -65.14 8.48 1.20
C ASP B 6 -63.97 8.03 0.28
N LYS B 7 -64.08 8.29 -1.03
CA LYS B 7 -62.94 8.12 -1.95
C LYS B 7 -61.86 9.15 -1.69
N ILE B 8 -62.28 10.38 -1.40
CA ILE B 8 -61.37 11.47 -1.06
C ILE B 8 -60.55 11.11 0.19
N GLU B 9 -61.17 10.42 1.13
CA GLU B 9 -60.47 9.92 2.31
C GLU B 9 -59.38 8.89 1.97
N GLU B 10 -59.73 7.90 1.14
CA GLU B 10 -58.75 6.92 0.63
C GLU B 10 -57.53 7.65 0.05
N ILE B 11 -57.80 8.52 -0.91
CA ILE B 11 -56.77 9.32 -1.60
C ILE B 11 -55.95 10.17 -0.63
N LEU B 12 -56.62 10.97 0.20
CA LEU B 12 -55.92 11.81 1.19
C LEU B 12 -55.15 11.01 2.24
N SER B 13 -55.55 9.75 2.50
CA SER B 13 -54.75 8.85 3.34
C SER B 13 -53.50 8.34 2.60
N LYS B 14 -53.71 7.81 1.39
CA LYS B 14 -52.65 7.22 0.59
C LYS B 14 -51.57 8.25 0.17
N ILE B 15 -51.95 9.51 -0.01
CA ILE B 15 -51.00 10.62 -0.21
C ILE B 15 -50.18 10.95 1.08
N TYR B 16 -50.81 10.87 2.26
CA TYR B 16 -50.09 11.00 3.53
C TYR B 16 -48.96 9.98 3.61
N HIS B 17 -49.23 8.75 3.19
CA HIS B 17 -48.27 7.66 3.27
C HIS B 17 -47.13 7.74 2.21
N ILE B 18 -47.47 8.25 1.03
CA ILE B 18 -46.49 8.46 -0.02
C ILE B 18 -45.58 9.61 0.41
N GLU B 19 -46.17 10.63 1.01
CA GLU B 19 -45.42 11.83 1.43
C GLU B 19 -44.29 11.45 2.40
N ASN B 20 -44.61 10.54 3.31
CA ASN B 20 -43.61 10.05 4.27
C ASN B 20 -42.56 9.16 3.61
N GLU B 21 -43.03 8.34 2.67
CA GLU B 21 -42.15 7.39 2.02
C GLU B 21 -41.12 8.16 1.23
N ILE B 22 -41.58 9.15 0.48
CA ILE B 22 -40.73 10.09 -0.23
C ILE B 22 -39.77 10.77 0.74
N ALA B 23 -40.25 11.21 1.91
CA ALA B 23 -39.33 11.75 2.93
C ALA B 23 -38.26 10.72 3.32
N ARG B 24 -38.67 9.45 3.51
CA ARG B 24 -37.74 8.41 3.99
C ARG B 24 -36.67 8.06 2.95
N ILE B 25 -37.11 7.97 1.69
CA ILE B 25 -36.19 7.77 0.55
C ILE B 25 -35.17 8.89 0.42
N LYS B 26 -35.61 10.14 0.57
CA LYS B 26 -34.67 11.28 0.59
C LYS B 26 -33.59 10.99 1.67
N LYS B 27 -33.99 10.49 2.85
CA LYS B 27 -33.03 10.22 3.95
C LYS B 27 -32.04 9.11 3.56
N LEU B 28 -32.58 8.06 2.96
CA LEU B 28 -31.82 6.89 2.59
C LEU B 28 -30.85 7.23 1.45
N ILE B 29 -31.29 7.98 0.44
CA ILE B 29 -30.37 8.51 -0.59
C ILE B 29 -29.18 9.32 0.04
N THR B 30 -29.46 10.22 0.99
CA THR B 30 -28.36 11.01 1.66
C THR B 30 -27.33 10.08 2.34
N ASN B 31 -27.83 9.01 2.89
CA ASN B 31 -27.01 8.02 3.59
C ASN B 31 -26.17 7.17 2.67
N THR B 32 -26.75 6.79 1.54
CA THR B 32 -26.01 6.02 0.56
C THR B 32 -24.91 6.93 0.01
N GLU B 33 -25.25 8.20 -0.17
CA GLU B 33 -24.36 9.21 -0.71
C GLU B 33 -23.12 9.34 0.19
N ALA B 34 -23.43 9.43 1.47
CA ALA B 34 -22.43 9.54 2.55
C ALA B 34 -21.51 8.33 2.58
N SER B 35 -22.12 7.16 2.43
CA SER B 35 -21.43 5.91 2.44
C SER B 35 -20.43 5.77 1.28
N VAL B 36 -20.88 6.21 0.08
CA VAL B 36 -19.99 6.41 -1.06
C VAL B 36 -18.79 7.39 -0.75
N ALA B 37 -19.13 8.55 -0.23
CA ALA B 37 -18.09 9.43 0.30
C ALA B 37 -17.07 8.85 1.21
N GLY B 38 -17.53 8.12 2.26
CA GLY B 38 -16.60 7.56 3.22
C GLY B 38 -15.71 6.55 2.54
N LEU B 39 -16.31 5.72 1.66
CA LEU B 39 -15.52 4.71 0.91
C LEU B 39 -14.42 5.36 0.04
N ALA B 40 -14.80 6.44 -0.58
CA ALA B 40 -13.84 7.28 -1.33
C ALA B 40 -12.67 7.72 -0.44
N GLU B 41 -12.98 8.20 0.79
CA GLU B 41 -11.90 8.67 1.69
C GLU B 41 -10.95 7.55 2.17
N ASP B 42 -11.51 6.30 2.30
CA ASP B 42 -10.76 5.17 2.86
C ASP B 42 -10.24 4.15 1.77
N ALA B 43 -10.65 4.30 0.52
CA ALA B 43 -10.15 3.34 -0.45
C ALA B 43 -8.84 3.85 -0.91
N LEU B 44 -7.94 2.92 -1.32
CA LEU B 44 -6.73 3.23 -2.04
C LEU B 44 -7.06 3.61 -3.46
N LEU B 45 -7.00 4.88 -3.82
CA LEU B 45 -7.61 5.26 -5.17
C LEU B 45 -6.54 5.82 -6.15
N TRP B 46 -6.84 5.51 -7.42
CA TRP B 46 -6.14 6.13 -8.49
C TRP B 46 -6.21 7.60 -8.39
N ASP B 47 -5.09 8.26 -8.53
CA ASP B 47 -4.98 9.78 -8.52
C ASP B 47 -4.51 10.27 -9.89
N GLU B 48 -5.45 10.75 -10.62
CA GLU B 48 -5.24 11.12 -12.05
C GLU B 48 -4.21 12.25 -12.15
N SER B 49 -3.91 13.01 -11.08
CA SER B 49 -2.95 14.16 -11.24
C SER B 49 -1.55 13.60 -11.20
N ILE B 50 -1.33 12.40 -10.64
CA ILE B 50 0.01 11.83 -10.49
C ILE B 50 0.15 10.50 -11.35
N SER B 51 -0.92 10.14 -12.04
CA SER B 51 -0.92 8.97 -12.89
C SER B 51 -0.48 7.64 -12.17
N ALA B 52 -1.05 7.41 -10.99
CA ALA B 52 -0.66 6.23 -10.20
C ALA B 52 -1.67 6.05 -9.05
N PHE B 53 -1.75 4.81 -8.53
CA PHE B 53 -2.53 4.62 -7.34
C PHE B 53 -1.79 5.41 -6.26
N SER B 54 -2.58 5.95 -5.35
CA SER B 54 -1.99 6.82 -4.22
C SER B 54 -2.32 6.16 -2.78
N ALA B 55 -1.27 5.70 -2.16
CA ALA B 55 -1.28 5.35 -0.65
C ALA B 55 -1.32 6.56 0.32
N SER B 56 -1.61 7.76 -0.12
CA SER B 56 -1.99 8.89 0.72
C SER B 56 -3.38 8.76 1.33
N HIS B 57 -3.47 8.82 2.68
CA HIS B 57 -4.74 8.77 3.33
C HIS B 57 -5.01 10.06 4.16
N THR B 58 -6.03 10.83 3.76
CA THR B 58 -6.47 12.07 4.37
C THR B 58 -5.17 12.98 4.62
N GLY B 59 -4.36 13.13 3.56
CA GLY B 59 -3.23 13.97 3.45
C GLY B 59 -1.88 13.40 3.66
N ASN B 60 -1.75 12.14 4.26
CA ASN B 60 -0.48 11.53 4.59
C ASN B 60 -0.08 10.25 3.79
N ALA B 61 1.24 10.14 3.47
CA ALA B 61 1.78 8.94 2.90
C ALA B 61 1.56 7.89 3.95
N SER B 62 1.18 6.67 3.54
CA SER B 62 0.74 5.72 4.60
C SER B 62 1.17 4.33 4.10
N LYS B 63 1.25 3.42 5.03
CA LYS B 63 1.74 2.08 4.78
C LYS B 63 0.65 1.20 4.15
N ILE B 64 1.05 0.09 3.53
CA ILE B 64 0.15 -1.01 3.18
C ILE B 64 0.70 -2.16 4.04
N THR B 65 -0.21 -2.87 4.67
CA THR B 65 0.10 -3.96 5.43
C THR B 65 -0.83 -5.18 5.23
N ASN B 66 -0.52 -6.27 5.92
CA ASN B 66 -1.23 -7.60 5.57
C ASN B 66 -1.09 -7.92 4.07
N LEU B 67 0.12 -7.61 3.53
CA LEU B 67 0.47 -7.98 2.18
C LEU B 67 1.15 -9.29 2.19
N ALA B 68 0.57 -10.30 1.50
CA ALA B 68 1.29 -11.56 1.22
C ALA B 68 2.51 -11.44 0.18
N ALA B 69 3.49 -12.31 0.33
CA ALA B 69 4.83 -12.26 -0.17
C ALA B 69 4.56 -12.41 -1.68
N GLY B 70 5.07 -11.48 -2.43
CA GLY B 70 5.10 -11.55 -3.92
C GLY B 70 6.02 -12.55 -4.61
N THR B 71 5.62 -13.08 -5.77
CA THR B 71 6.58 -13.93 -6.45
C THR B 71 7.84 -13.27 -6.83
N LEU B 72 8.95 -13.88 -6.54
CA LEU B 72 10.25 -13.30 -6.98
C LEU B 72 10.73 -13.94 -8.29
N ALA B 73 10.47 -13.21 -9.38
CA ALA B 73 10.81 -13.64 -10.75
C ALA B 73 10.99 -12.48 -11.68
N ALA B 74 11.80 -12.75 -12.69
CA ALA B 74 12.06 -11.84 -13.77
C ALA B 74 10.83 -11.19 -14.32
N ASP B 75 9.78 -11.92 -14.48
CA ASP B 75 8.58 -11.27 -15.04
C ASP B 75 7.46 -10.85 -13.99
N SER B 76 7.78 -10.87 -12.71
CA SER B 76 6.77 -10.61 -11.66
C SER B 76 6.35 -9.18 -11.58
N THR B 77 5.05 -8.89 -11.55
CA THR B 77 4.50 -7.63 -11.19
C THR B 77 3.76 -7.73 -9.85
N ASP B 78 4.22 -8.58 -8.97
CA ASP B 78 3.67 -8.63 -7.58
C ASP B 78 4.46 -7.60 -6.71
N ALA B 79 3.71 -6.95 -5.83
CA ALA B 79 4.29 -6.15 -4.66
C ALA B 79 5.13 -7.15 -3.78
N VAL B 80 6.13 -6.61 -3.13
CA VAL B 80 7.03 -7.39 -2.31
C VAL B 80 6.87 -6.86 -0.86
N ASN B 81 6.98 -7.73 0.10
CA ASN B 81 6.83 -7.29 1.55
C ASN B 81 8.18 -7.16 2.33
N GLY B 82 8.13 -6.64 3.57
CA GLY B 82 9.23 -6.41 4.47
C GLY B 82 9.99 -7.61 4.90
N SER B 83 9.29 -8.70 5.01
CA SER B 83 9.89 -10.01 5.30
C SER B 83 10.80 -10.47 4.16
N GLN B 84 10.39 -10.22 2.90
CA GLN B 84 11.25 -10.52 1.77
C GLN B 84 12.47 -9.66 1.63
N MET B 85 12.33 -8.36 1.97
CA MET B 85 13.45 -7.51 2.01
C MET B 85 14.40 -7.80 3.18
N LYS B 86 13.82 -8.31 4.26
CA LYS B 86 14.66 -8.72 5.40
C LYS B 86 15.61 -9.86 4.92
N GLN B 87 15.02 -10.82 4.22
CA GLN B 87 15.79 -11.92 3.65
C GLN B 87 17.03 -11.46 2.89
N ILE B 88 16.80 -10.46 2.03
CA ILE B 88 17.86 -9.85 1.31
C ILE B 88 18.93 -9.26 2.21
N GLU B 89 18.49 -8.48 3.20
CA GLU B 89 19.42 -7.95 4.20
C GLU B 89 20.26 -9.04 4.90
N ASP B 90 19.59 -10.12 5.33
CA ASP B 90 20.31 -11.18 6.01
C ASP B 90 21.44 -11.70 5.11
N LYS B 91 21.19 -11.89 3.82
CA LYS B 91 22.21 -12.36 2.87
C LYS B 91 23.38 -11.37 2.73
N ILE B 92 23.08 -10.09 2.66
CA ILE B 92 24.13 -9.06 2.67
C ILE B 92 25.05 -9.12 3.89
N GLU B 93 24.46 -9.13 5.09
CA GLU B 93 25.18 -9.42 6.33
C GLU B 93 26.21 -10.62 6.24
N GLU B 94 25.73 -11.75 5.72
CA GLU B 94 26.60 -12.91 5.52
C GLU B 94 27.78 -12.48 4.60
N ILE B 95 27.48 -11.85 3.46
CA ILE B 95 28.55 -11.41 2.54
C ILE B 95 29.55 -10.49 3.32
N LEU B 96 29.00 -9.57 4.07
CA LEU B 96 29.87 -8.62 4.84
C LEU B 96 30.85 -9.39 5.75
N SER B 97 30.34 -10.46 6.37
CA SER B 97 31.12 -11.24 7.29
C SER B 97 32.20 -11.97 6.49
N LYS B 98 31.83 -12.54 5.34
CA LYS B 98 32.81 -13.15 4.48
C LYS B 98 33.91 -12.10 4.09
N ILE B 99 33.53 -10.92 3.66
CA ILE B 99 34.60 -9.97 3.24
C ILE B 99 35.44 -9.42 4.41
N TYR B 100 34.88 -9.30 5.61
CA TYR B 100 35.70 -8.97 6.80
C TYR B 100 36.85 -9.92 6.95
N HIS B 101 36.49 -11.21 6.94
CA HIS B 101 37.43 -12.35 7.12
C HIS B 101 38.44 -12.36 6.00
N ILE B 102 37.97 -12.20 4.75
CA ILE B 102 38.86 -12.14 3.61
C ILE B 102 39.88 -11.01 3.77
N GLU B 103 39.39 -9.83 4.21
CA GLU B 103 40.26 -8.66 4.35
C GLU B 103 41.33 -8.97 5.44
N ASN B 104 40.91 -9.57 6.55
CA ASN B 104 41.85 -9.94 7.60
C ASN B 104 42.93 -10.90 7.07
N GLU B 105 42.55 -11.81 6.19
CA GLU B 105 43.53 -12.76 5.63
C GLU B 105 44.47 -12.04 4.70
N ILE B 106 43.94 -11.16 3.85
CA ILE B 106 44.81 -10.40 2.93
C ILE B 106 45.73 -9.45 3.70
N ALA B 107 45.24 -8.88 4.81
CA ALA B 107 46.08 -8.00 5.62
C ALA B 107 47.30 -8.74 6.22
N ARG B 108 47.11 -10.00 6.58
CA ARG B 108 48.18 -10.88 7.09
C ARG B 108 49.20 -11.28 6.01
N ILE B 109 48.72 -11.76 4.85
CA ILE B 109 49.56 -11.95 3.65
C ILE B 109 50.35 -10.67 3.29
N LYS B 110 49.69 -9.52 3.31
CA LYS B 110 50.34 -8.21 3.05
C LYS B 110 51.58 -7.94 3.94
N LYS B 111 51.60 -8.49 5.16
CA LYS B 111 52.78 -8.42 6.02
C LYS B 111 53.96 -9.19 5.40
N LEU B 112 53.70 -10.42 4.99
CA LEU B 112 54.75 -11.37 4.66
C LEU B 112 55.35 -11.15 3.27
N ILE B 113 54.53 -11.15 2.24
CA ILE B 113 55.06 -11.07 0.88
C ILE B 113 55.87 -9.78 0.66
N GLN C 3 94.14 -21.71 -29.81
CA GLN C 3 92.80 -21.70 -30.46
C GLN C 3 91.75 -22.41 -29.61
N ILE C 4 92.00 -23.63 -29.12
CA ILE C 4 90.90 -24.36 -28.45
C ILE C 4 90.32 -23.59 -27.21
N GLU C 5 91.17 -22.89 -26.47
CA GLU C 5 90.64 -22.07 -25.38
C GLU C 5 89.87 -20.84 -25.94
N ASP C 6 90.20 -20.40 -27.16
CA ASP C 6 89.37 -19.46 -27.91
C ASP C 6 88.06 -20.13 -28.35
N LYS C 7 88.15 -21.29 -29.01
CA LYS C 7 86.97 -22.08 -29.39
C LYS C 7 86.03 -22.28 -28.20
N ILE C 8 86.57 -22.57 -27.03
CA ILE C 8 85.73 -22.75 -25.82
C ILE C 8 85.05 -21.42 -25.44
N GLU C 9 85.79 -20.32 -25.55
CA GLU C 9 85.27 -18.97 -25.26
C GLU C 9 84.04 -18.61 -26.11
N GLU C 10 84.17 -18.82 -27.42
CA GLU C 10 83.08 -18.63 -28.41
C GLU C 10 81.91 -19.64 -28.26
N ILE C 11 82.21 -20.80 -27.67
CA ILE C 11 81.15 -21.76 -27.32
C ILE C 11 80.35 -21.22 -26.12
N LEU C 12 81.02 -20.62 -25.15
CA LEU C 12 80.29 -20.02 -24.01
C LEU C 12 79.54 -18.72 -24.39
N SER C 13 80.08 -17.99 -25.34
CA SER C 13 79.41 -16.80 -25.86
C SER C 13 78.10 -17.21 -26.52
N LYS C 14 78.16 -18.18 -27.41
CA LYS C 14 76.94 -18.69 -28.06
C LYS C 14 75.94 -19.29 -27.07
N ILE C 15 76.42 -19.92 -25.98
CA ILE C 15 75.50 -20.47 -24.92
C ILE C 15 74.83 -19.45 -23.99
N TYR C 16 75.57 -18.44 -23.53
CA TYR C 16 74.99 -17.42 -22.64
C TYR C 16 73.98 -16.53 -23.40
N HIS C 17 74.16 -16.44 -24.71
CA HIS C 17 73.17 -15.89 -25.64
C HIS C 17 71.93 -16.80 -25.71
N ILE C 18 72.13 -18.12 -25.83
CA ILE C 18 71.02 -19.11 -25.87
C ILE C 18 70.13 -19.01 -24.63
N GLU C 19 70.75 -18.94 -23.45
CA GLU C 19 70.00 -18.87 -22.21
C GLU C 19 69.24 -17.53 -22.02
N ASN C 20 69.66 -16.47 -22.70
CA ASN C 20 68.94 -15.19 -22.63
C ASN C 20 67.88 -14.99 -23.75
N GLU C 21 68.07 -15.70 -24.87
CA GLU C 21 66.99 -15.87 -25.83
C GLU C 21 65.89 -16.75 -25.23
N ILE C 22 66.28 -17.77 -24.46
CA ILE C 22 65.33 -18.64 -23.73
C ILE C 22 64.60 -17.94 -22.59
N ALA C 23 65.30 -17.06 -21.86
CA ALA C 23 64.64 -16.26 -20.83
C ALA C 23 63.50 -15.43 -21.43
N ARG C 24 63.78 -14.77 -22.56
CA ARG C 24 62.80 -13.96 -23.29
C ARG C 24 61.58 -14.79 -23.68
N ILE C 25 61.82 -16.04 -24.11
CA ILE C 25 60.74 -16.94 -24.47
C ILE C 25 59.83 -17.22 -23.27
N LYS C 26 60.44 -17.56 -22.13
CA LYS C 26 59.71 -18.14 -21.00
C LYS C 26 58.82 -17.14 -20.25
N LYS C 27 59.30 -15.92 -20.03
CA LYS C 27 58.44 -14.86 -19.50
C LYS C 27 57.39 -14.42 -20.55
N LEU C 28 57.68 -14.66 -21.83
CA LEU C 28 56.78 -14.27 -22.91
C LEU C 28 55.64 -15.28 -23.09
N ILE C 29 56.01 -16.56 -23.23
CA ILE C 29 55.03 -17.66 -23.25
C ILE C 29 53.99 -17.56 -22.12
N THR C 30 54.41 -17.02 -20.97
CA THR C 30 53.59 -16.93 -19.77
C THR C 30 52.49 -15.88 -19.91
N ASN C 31 52.88 -14.70 -20.39
CA ASN C 31 51.94 -13.61 -20.66
C ASN C 31 51.01 -13.89 -21.84
N THR C 32 51.25 -15.00 -22.54
CA THR C 32 50.37 -15.50 -23.61
C THR C 32 49.41 -16.59 -23.08
N GLU C 33 49.94 -17.57 -22.39
CA GLU C 33 49.11 -18.55 -21.69
C GLU C 33 48.17 -17.81 -20.69
N ALA C 34 48.65 -16.68 -20.18
CA ALA C 34 47.81 -15.80 -19.38
C ALA C 34 46.70 -15.17 -20.23
N SER C 35 47.02 -14.66 -21.41
CA SER C 35 46.00 -14.04 -22.26
C SER C 35 44.97 -15.05 -22.78
N VAL C 36 45.38 -16.31 -22.91
CA VAL C 36 44.49 -17.33 -23.44
C VAL C 36 43.50 -17.72 -22.35
N ALA C 37 44.01 -17.83 -21.13
CA ALA C 37 43.17 -18.07 -19.97
C ALA C 37 42.12 -16.97 -19.78
N GLY C 38 42.54 -15.71 -19.89
CA GLY C 38 41.62 -14.57 -19.84
C GLY C 38 40.53 -14.59 -20.87
N LEU C 39 40.88 -14.89 -22.10
CA LEU C 39 39.93 -15.00 -23.18
C LEU C 39 38.94 -16.14 -22.94
N ALA C 40 39.40 -17.29 -22.48
CA ALA C 40 38.48 -18.39 -22.17
C ALA C 40 37.42 -17.96 -21.14
N GLU C 41 37.86 -17.31 -20.08
CA GLU C 41 36.92 -16.87 -19.06
C GLU C 41 35.94 -15.78 -19.54
N ASP C 42 36.37 -14.88 -20.41
CA ASP C 42 35.54 -13.70 -20.65
C ASP C 42 34.89 -13.66 -22.05
N ALA C 43 35.30 -14.60 -22.88
CA ALA C 43 34.65 -14.69 -24.20
C ALA C 43 33.37 -15.42 -24.07
N LEU C 44 32.40 -15.01 -24.90
CA LEU C 44 31.11 -15.68 -24.93
C LEU C 44 31.25 -16.91 -25.82
N LEU C 45 31.14 -18.10 -25.20
CA LEU C 45 31.60 -19.32 -25.84
C LEU C 45 30.49 -20.34 -26.05
N TRP C 46 30.64 -21.13 -27.15
CA TRP C 46 29.82 -22.29 -27.45
C TRP C 46 29.93 -23.34 -26.34
N ASP C 47 28.78 -23.86 -25.97
CA ASP C 47 28.66 -25.00 -25.07
C ASP C 47 28.02 -26.11 -25.77
N GLU C 48 28.81 -27.14 -25.96
CA GLU C 48 28.46 -28.27 -26.78
C GLU C 48 27.42 -29.12 -26.00
N SER C 49 27.37 -29.02 -24.67
CA SER C 49 26.39 -29.82 -23.94
C SER C 49 24.97 -29.31 -24.16
N ILE C 50 24.83 -28.07 -24.63
CA ILE C 50 23.54 -27.52 -24.89
C ILE C 50 23.27 -27.11 -26.28
N SER C 51 24.30 -27.20 -27.12
CA SER C 51 24.26 -26.82 -28.52
C SER C 51 23.85 -25.37 -28.71
N ALA C 52 24.53 -24.49 -27.96
CA ALA C 52 24.25 -23.07 -28.08
C ALA C 52 25.40 -22.30 -27.42
N PHE C 53 25.53 -21.03 -27.82
CA PHE C 53 26.46 -20.10 -27.17
C PHE C 53 25.82 -19.74 -25.85
N SER C 54 26.63 -19.60 -24.81
CA SER C 54 26.13 -19.43 -23.49
C SER C 54 26.64 -18.06 -22.91
N ALA C 55 25.69 -17.25 -22.48
CA ALA C 55 26.03 -15.95 -21.88
C ALA C 55 26.15 -16.11 -20.38
N SER C 56 26.30 -17.37 -19.88
CA SER C 56 26.72 -17.50 -18.45
C SER C 56 28.13 -16.93 -18.13
N HIS C 57 28.24 -16.18 -17.02
CA HIS C 57 29.42 -15.52 -16.58
C HIS C 57 29.15 -15.18 -15.06
N THR C 58 30.20 -15.28 -14.28
CA THR C 58 30.22 -14.95 -12.82
C THR C 58 28.96 -15.52 -12.11
N GLY C 59 28.76 -16.81 -12.42
CA GLY C 59 27.88 -17.73 -11.71
C GLY C 59 26.47 -17.89 -12.25
N ASN C 60 26.10 -17.11 -13.27
CA ASN C 60 24.73 -17.02 -13.66
C ASN C 60 24.56 -16.46 -15.09
N ALA C 61 23.33 -16.40 -15.51
CA ALA C 61 22.96 -15.73 -16.76
C ALA C 61 23.39 -14.26 -16.68
N SER C 62 23.77 -13.74 -17.84
CA SER C 62 24.30 -12.41 -17.99
C SER C 62 23.66 -11.72 -19.13
N LYS C 63 23.70 -10.39 -19.09
CA LYS C 63 23.25 -9.58 -20.20
C LYS C 63 24.28 -9.48 -21.30
N ILE C 64 23.77 -9.06 -22.45
CA ILE C 64 24.56 -8.63 -23.53
C ILE C 64 24.10 -7.19 -23.78
N THR C 65 25.06 -6.27 -23.88
CA THR C 65 24.66 -4.89 -24.11
C THR C 65 25.51 -4.32 -25.17
N ASN C 66 25.29 -3.03 -25.49
CA ASN C 66 25.83 -2.37 -26.64
C ASN C 66 25.48 -3.08 -27.94
N LEU C 67 24.29 -3.62 -27.95
CA LEU C 67 23.76 -4.32 -29.13
C LEU C 67 22.93 -3.40 -30.01
N ALA C 68 23.37 -3.23 -31.25
CA ALA C 68 22.63 -2.34 -32.18
C ALA C 68 21.34 -3.05 -32.66
N ALA C 69 20.36 -2.23 -33.05
CA ALA C 69 19.07 -2.71 -33.47
C ALA C 69 19.21 -3.70 -34.63
N GLY C 70 18.53 -4.78 -34.44
CA GLY C 70 18.35 -5.82 -35.46
C GLY C 70 17.24 -5.52 -36.50
N THR C 71 17.46 -6.09 -37.67
CA THR C 71 16.47 -5.91 -38.73
C THR C 71 15.21 -6.67 -38.41
N LEU C 72 14.06 -6.01 -38.46
CA LEU C 72 12.78 -6.70 -38.32
C LEU C 72 12.22 -7.08 -39.77
N ALA C 73 12.42 -8.32 -40.15
CA ALA C 73 11.95 -8.79 -41.44
C ALA C 73 11.73 -10.32 -41.26
N ALA C 74 11.00 -10.87 -42.21
CA ALA C 74 10.56 -12.23 -42.19
C ALA C 74 11.63 -13.29 -41.89
N ASP C 75 12.76 -13.35 -42.56
CA ASP C 75 13.61 -14.49 -42.05
C ASP C 75 14.90 -13.91 -41.43
N SER C 76 14.77 -12.73 -40.79
CA SER C 76 15.95 -12.08 -40.09
C SER C 76 16.53 -12.94 -38.99
N THR C 77 17.87 -13.02 -38.93
CA THR C 77 18.54 -13.72 -37.93
C THR C 77 19.33 -12.76 -37.05
N ASP C 78 18.97 -11.52 -37.17
CA ASP C 78 19.58 -10.49 -36.30
C ASP C 78 18.97 -10.58 -34.84
N ALA C 79 19.84 -10.38 -33.88
CA ALA C 79 19.42 -10.24 -32.42
C ALA C 79 18.67 -8.88 -32.28
N VAL C 80 17.69 -8.81 -31.36
CA VAL C 80 16.91 -7.58 -31.21
C VAL C 80 17.14 -7.01 -29.78
N ASN C 81 17.07 -5.70 -29.69
CA ASN C 81 17.38 -4.96 -28.39
C ASN C 81 16.21 -4.37 -27.66
N GLY C 82 16.50 -3.96 -26.44
CA GLY C 82 15.38 -3.59 -25.53
C GLY C 82 14.66 -2.34 -25.99
N SER C 83 15.36 -1.52 -26.71
CA SER C 83 14.78 -0.32 -27.31
C SER C 83 13.61 -0.74 -28.28
N GLN C 84 13.93 -1.69 -29.16
CA GLN C 84 12.94 -2.31 -30.03
C GLN C 84 11.74 -2.89 -29.30
N MET C 85 12.08 -3.62 -28.26
CA MET C 85 11.06 -4.22 -27.48
CA MET C 85 11.04 -4.25 -27.50
C MET C 85 10.23 -3.23 -26.75
N LYS C 86 10.87 -2.18 -26.23
CA LYS C 86 10.12 -1.12 -25.55
C LYS C 86 9.02 -0.49 -26.43
N GLN C 87 9.29 -0.28 -27.74
CA GLN C 87 8.34 0.34 -28.60
C GLN C 87 7.13 -0.60 -28.76
N ILE C 88 7.38 -1.90 -28.75
CA ILE C 88 6.31 -2.90 -28.82
C ILE C 88 5.44 -2.90 -27.55
N GLU C 89 6.14 -2.86 -26.46
CA GLU C 89 5.51 -2.76 -25.11
C GLU C 89 4.68 -1.57 -24.97
N ASP C 90 5.20 -0.36 -25.42
CA ASP C 90 4.41 0.81 -25.43
C ASP C 90 3.18 0.68 -26.21
N LYS C 91 3.28 0.17 -27.51
CA LYS C 91 2.05 0.04 -28.30
C LYS C 91 0.99 -0.90 -27.68
N ILE C 92 1.45 -2.00 -27.08
CA ILE C 92 0.55 -2.90 -26.29
C ILE C 92 -0.26 -2.22 -25.16
N GLU C 93 0.43 -1.42 -24.32
CA GLU C 93 -0.17 -0.65 -23.25
C GLU C 93 -1.24 0.35 -23.84
N GLU C 94 -0.96 0.94 -25.07
CA GLU C 94 -1.92 1.80 -25.66
C GLU C 94 -3.15 1.07 -26.08
N ILE C 95 -2.92 -0.06 -26.74
CA ILE C 95 -4.00 -0.88 -27.15
C ILE C 95 -4.89 -1.43 -25.91
N LEU C 96 -4.25 -1.79 -24.86
CA LEU C 96 -5.07 -2.19 -23.61
C LEU C 96 -5.96 -1.09 -23.13
N SER C 97 -5.37 0.18 -23.01
CA SER C 97 -6.18 1.28 -22.69
C SER C 97 -7.37 1.57 -23.64
N LYS C 98 -7.05 1.58 -24.95
CA LYS C 98 -8.09 1.72 -25.94
C LYS C 98 -9.20 0.68 -25.79
N ILE C 99 -8.84 -0.56 -25.72
CA ILE C 99 -9.79 -1.64 -25.50
C ILE C 99 -10.71 -1.40 -24.35
N TYR C 100 -10.13 -1.10 -23.16
CA TYR C 100 -10.90 -0.70 -21.99
C TYR C 100 -11.96 0.28 -22.28
N HIS C 101 -11.54 1.37 -22.89
CA HIS C 101 -12.41 2.44 -23.19
C HIS C 101 -13.55 2.07 -24.23
N ILE C 102 -13.22 1.25 -25.24
CA ILE C 102 -14.19 0.63 -26.13
C ILE C 102 -15.19 -0.21 -25.38
N GLU C 103 -14.73 -1.00 -24.40
CA GLU C 103 -15.66 -1.75 -23.60
C GLU C 103 -16.59 -0.81 -22.85
N ASN C 104 -16.09 0.35 -22.31
CA ASN C 104 -17.00 1.24 -21.63
C ASN C 104 -18.04 1.79 -22.52
N GLU C 105 -17.66 2.13 -23.74
CA GLU C 105 -18.58 2.70 -24.65
C GLU C 105 -19.63 1.73 -25.06
N ILE C 106 -19.24 0.49 -25.22
CA ILE C 106 -20.19 -0.60 -25.54
C ILE C 106 -21.15 -0.79 -24.43
N ALA C 107 -20.61 -0.75 -23.21
CA ALA C 107 -21.44 -0.77 -21.99
C ALA C 107 -22.51 0.36 -21.94
N ARG C 108 -22.09 1.61 -22.23
CA ARG C 108 -22.98 2.75 -22.27
C ARG C 108 -24.12 2.60 -23.32
N ILE C 109 -23.75 2.24 -24.56
CA ILE C 109 -24.71 1.87 -25.60
C ILE C 109 -25.70 0.82 -25.10
N LYS C 110 -25.19 -0.27 -24.50
CA LYS C 110 -26.12 -1.33 -24.05
C LYS C 110 -27.07 -0.83 -22.95
N LYS C 111 -26.64 0.18 -22.18
CA LYS C 111 -27.53 0.91 -21.23
C LYS C 111 -28.59 1.81 -21.83
N LEU C 112 -28.33 2.38 -22.99
CA LEU C 112 -29.30 3.22 -23.66
C LEU C 112 -30.41 2.39 -24.31
N ILE C 113 -30.05 1.22 -24.79
CA ILE C 113 -31.07 0.30 -25.39
C ILE C 113 -32.02 -0.37 -24.34
#